data_3LYN
#
_entry.id   3LYN
#
_cell.length_a   119.170
_cell.length_b   119.170
_cell.length_c   51.290
_cell.angle_alpha   90.00
_cell.angle_beta   90.00
_cell.angle_gamma   120.00
#
_symmetry.space_group_name_H-M   'P 61'
#
loop_
_entity.id
_entity.type
_entity.pdbx_description
1 polymer 'SPERM LYSIN'
2 water water
#
_entity_poly.entity_id   1
_entity_poly.type   'polypeptide(L)'
_entity_poly.pdbx_seq_one_letter_code
;RRWTFVRYHYINKAYEVTMKIQIISGFDRQLTAWLRVHGRRLTNNQKKTLFFVNRRYMQTHWQNYMLWVKRKIKALGRPA
AVGDYTRLGAEIGRRVDMVFFYNFLSGRKMIPPYSAYMAKLNALRPADVPVKNHGK
;
_entity_poly.pdbx_strand_id   A,B
#
# COMPACT_ATOMS: atom_id res chain seq x y z
N ILE A 11 16.50 6.26 30.81
CA ILE A 11 15.76 5.03 31.01
C ILE A 11 15.17 4.51 29.69
N ASN A 12 15.96 4.69 28.66
CA ASN A 12 15.89 4.22 27.30
C ASN A 12 14.79 3.22 27.00
N LYS A 13 14.76 1.99 27.54
CA LYS A 13 13.78 1.05 26.96
C LYS A 13 12.39 1.23 27.55
N ALA A 14 12.32 1.67 28.80
CA ALA A 14 11.03 2.06 29.36
C ALA A 14 10.45 3.19 28.49
N TYR A 15 11.32 4.05 27.99
CA TYR A 15 10.87 5.17 27.17
C TYR A 15 10.38 4.68 25.81
N GLU A 16 11.20 3.87 25.13
CA GLU A 16 10.76 3.27 23.88
C GLU A 16 9.45 2.51 24.06
N VAL A 17 9.32 1.71 25.12
CA VAL A 17 8.10 0.92 25.27
C VAL A 17 6.88 1.81 25.46
N THR A 18 6.96 2.80 26.34
CA THR A 18 5.73 3.60 26.52
C THR A 18 5.37 4.32 25.21
N MET A 19 6.37 4.84 24.50
CA MET A 19 6.07 5.47 23.20
C MET A 19 5.48 4.50 22.20
N LYS A 20 6.03 3.31 22.04
CA LYS A 20 5.40 2.38 21.08
C LYS A 20 3.98 2.06 21.46
N ILE A 21 3.75 1.84 22.78
CA ILE A 21 2.38 1.51 23.19
C ILE A 21 1.41 2.62 22.81
N GLN A 22 1.83 3.86 23.07
CA GLN A 22 0.92 4.98 22.80
C GLN A 22 0.73 5.19 21.30
N ILE A 23 1.78 4.98 20.52
CA ILE A 23 1.65 5.26 19.06
C ILE A 23 0.74 4.22 18.46
N ILE A 24 1.04 2.94 18.77
CA ILE A 24 0.16 1.89 18.23
C ILE A 24 -1.26 2.04 18.72
N SER A 25 -1.43 2.39 19.99
CA SER A 25 -2.75 2.57 20.53
C SER A 25 -3.51 3.65 19.76
N GLY A 26 -2.73 4.71 19.48
CA GLY A 26 -3.34 5.86 18.80
C GLY A 26 -3.68 5.54 17.34
N PHE A 27 -2.75 4.90 16.63
CA PHE A 27 -3.08 4.50 15.26
C PHE A 27 -4.25 3.54 15.24
N ASP A 28 -4.31 2.59 16.18
CA ASP A 28 -5.35 1.60 16.28
C ASP A 28 -6.71 2.25 16.58
N ARG A 29 -6.69 3.31 17.39
CA ARG A 29 -7.94 4.04 17.64
C ARG A 29 -8.43 4.65 16.33
N GLN A 30 -7.50 5.22 15.54
CA GLN A 30 -7.97 5.82 14.26
C GLN A 30 -8.60 4.76 13.38
N LEU A 31 -7.97 3.59 13.30
CA LEU A 31 -8.50 2.51 12.46
C LEU A 31 -9.79 1.91 12.94
N THR A 32 -9.91 1.64 14.25
CA THR A 32 -11.16 1.08 14.74
C THR A 32 -12.30 2.08 14.50
N ALA A 33 -12.03 3.37 14.75
CA ALA A 33 -13.07 4.38 14.44
C ALA A 33 -13.45 4.37 12.96
N TRP A 34 -12.45 4.31 12.07
CA TRP A 34 -12.65 4.29 10.62
C TRP A 34 -13.42 3.05 10.18
N LEU A 35 -13.05 1.90 10.75
CA LEU A 35 -13.76 0.66 10.43
C LEU A 35 -15.23 0.67 10.81
N ARG A 36 -15.62 1.38 11.88
CA ARG A 36 -17.05 1.43 12.19
C ARG A 36 -17.84 2.09 11.05
N VAL A 37 -17.21 3.01 10.34
CA VAL A 37 -17.85 3.72 9.24
C VAL A 37 -17.69 2.93 7.94
N HIS A 38 -16.48 2.52 7.62
CA HIS A 38 -16.14 1.88 6.35
C HIS A 38 -15.96 0.37 6.37
N GLY A 39 -16.02 -0.33 7.47
CA GLY A 39 -15.65 -1.72 7.64
C GLY A 39 -16.57 -2.75 7.00
N ARG A 40 -17.79 -2.33 6.67
CA ARG A 40 -18.81 -3.17 6.08
C ARG A 40 -18.37 -3.95 4.84
N ARG A 41 -17.68 -3.27 3.97
CA ARG A 41 -17.10 -3.61 2.69
C ARG A 41 -15.88 -4.51 2.73
N LEU A 42 -15.13 -4.48 3.82
CA LEU A 42 -13.86 -5.19 3.93
C LEU A 42 -13.99 -6.58 4.53
N THR A 43 -13.15 -7.52 4.06
CA THR A 43 -13.15 -8.79 4.76
C THR A 43 -12.40 -8.70 6.09
N ASN A 44 -12.62 -9.68 6.95
CA ASN A 44 -11.90 -9.72 8.21
C ASN A 44 -10.40 -9.74 7.95
N ASN A 45 -9.98 -10.41 6.87
CA ASN A 45 -8.54 -10.38 6.61
C ASN A 45 -8.07 -8.97 6.23
N GLN A 46 -8.86 -8.23 5.45
CA GLN A 46 -8.46 -6.88 5.07
C GLN A 46 -8.35 -5.96 6.28
N LYS A 47 -9.26 -6.12 7.23
CA LYS A 47 -9.14 -5.40 8.51
C LYS A 47 -7.85 -5.73 9.26
N LYS A 48 -7.54 -7.01 9.39
CA LYS A 48 -6.28 -7.36 10.05
C LYS A 48 -5.09 -6.79 9.31
N THR A 49 -5.13 -6.77 7.97
CA THR A 49 -4.05 -6.14 7.23
C THR A 49 -3.87 -4.67 7.59
N LEU A 50 -4.99 -3.95 7.79
CA LEU A 50 -4.79 -2.52 8.11
C LEU A 50 -4.19 -2.35 9.48
N PHE A 51 -4.49 -3.26 10.41
CA PHE A 51 -3.82 -3.19 11.71
C PHE A 51 -2.33 -3.48 11.58
N PHE A 52 -1.99 -4.43 10.70
CA PHE A 52 -0.57 -4.64 10.39
C PHE A 52 0.05 -3.35 9.88
N VAL A 53 -0.68 -2.69 8.95
CA VAL A 53 -0.18 -1.43 8.37
C VAL A 53 0.17 -0.43 9.45
N ASN A 54 -0.66 -0.36 10.50
CA ASN A 54 -0.37 0.58 11.59
C ASN A 54 0.99 0.30 12.21
N ARG A 55 1.26 -0.97 12.54
CA ARG A 55 2.54 -1.29 13.17
C ARG A 55 3.69 -1.04 12.21
N ARG A 56 3.49 -1.38 10.94
CA ARG A 56 4.57 -1.18 9.95
C ARG A 56 4.82 0.29 9.75
N TYR A 57 3.74 1.09 9.67
CA TYR A 57 3.95 2.55 9.57
C TYR A 57 4.76 3.12 10.73
N MET A 58 4.47 2.64 11.95
CA MET A 58 5.27 3.10 13.08
C MET A 58 6.72 2.70 12.90
N GLN A 59 6.94 1.45 12.51
CA GLN A 59 8.34 1.02 12.29
C GLN A 59 9.09 1.86 11.25
N THR A 60 8.46 2.13 10.11
CA THR A 60 9.24 2.80 9.06
C THR A 60 9.41 4.28 9.33
N HIS A 61 8.69 4.83 10.32
CA HIS A 61 8.87 6.24 10.62
C HIS A 61 9.53 6.44 11.97
N TRP A 62 9.92 5.33 12.60
CA TRP A 62 10.46 5.39 13.96
C TRP A 62 11.61 6.39 14.07
N GLN A 63 12.54 6.39 13.15
CA GLN A 63 13.68 7.30 13.28
C GLN A 63 13.20 8.74 13.27
N ASN A 64 12.24 9.02 12.38
CA ASN A 64 11.77 10.41 12.31
C ASN A 64 11.10 10.77 13.62
N TYR A 65 10.31 9.86 14.19
CA TYR A 65 9.65 10.17 15.45
C TYR A 65 10.69 10.39 16.55
N MET A 66 11.80 9.65 16.46
CA MET A 66 12.82 9.79 17.51
C MET A 66 13.58 11.12 17.36
N LEU A 67 13.87 11.50 16.12
CA LEU A 67 14.50 12.79 15.87
C LEU A 67 13.72 13.90 16.56
N TRP A 68 12.41 13.89 16.31
CA TRP A 68 11.44 14.82 16.85
C TRP A 68 11.29 14.68 18.36
N VAL A 69 11.21 13.43 18.84
CA VAL A 69 11.05 13.29 20.29
C VAL A 69 12.29 13.83 20.98
N LYS A 70 13.45 13.53 20.42
CA LYS A 70 14.71 14.01 21.00
C LYS A 70 14.70 15.52 21.13
N ARG A 71 14.06 16.22 20.18
CA ARG A 71 14.13 17.68 20.27
C ARG A 71 13.13 18.23 21.27
N LYS A 72 12.00 17.56 21.47
CA LYS A 72 10.97 17.93 22.43
C LYS A 72 11.40 17.70 23.87
N ILE A 73 12.13 16.63 24.13
CA ILE A 73 12.62 16.38 25.49
C ILE A 73 13.65 17.46 25.85
N LYS A 74 14.64 17.61 24.98
CA LYS A 74 15.66 18.63 25.02
C LYS A 74 15.07 19.99 25.34
N ALA A 75 13.96 20.29 24.68
CA ALA A 75 13.29 21.57 24.82
C ALA A 75 12.49 21.63 26.12
N LEU A 76 12.59 20.58 26.93
CA LEU A 76 11.87 20.58 28.19
C LEU A 76 12.58 21.49 29.18
N GLY A 77 13.88 21.67 29.00
CA GLY A 77 14.69 22.41 29.96
C GLY A 77 14.45 21.82 31.34
N ARG A 78 14.40 20.49 31.34
CA ARG A 78 13.88 19.72 32.46
C ARG A 78 14.31 18.26 32.27
N PRO A 79 14.42 17.53 33.36
CA PRO A 79 14.75 16.10 33.26
C PRO A 79 13.55 15.30 32.76
N ALA A 80 13.73 14.58 31.65
CA ALA A 80 12.59 13.84 31.13
C ALA A 80 12.23 12.68 32.05
N ALA A 81 10.96 12.61 32.39
CA ALA A 81 10.34 11.51 33.10
C ALA A 81 9.72 10.57 32.07
N VAL A 82 9.46 9.31 32.39
CA VAL A 82 8.84 8.45 31.37
C VAL A 82 7.51 9.04 30.92
N GLY A 83 6.77 9.69 31.82
CA GLY A 83 5.48 10.26 31.45
C GLY A 83 5.62 11.29 30.34
N ASP A 84 6.80 11.85 30.14
CA ASP A 84 6.96 12.80 29.05
C ASP A 84 6.81 12.03 27.72
N TYR A 85 7.54 10.91 27.69
CA TYR A 85 7.51 9.98 26.59
C TYR A 85 6.12 9.41 26.34
N THR A 86 5.37 9.09 27.37
CA THR A 86 4.00 8.67 27.21
C THR A 86 3.23 9.75 26.44
N ARG A 87 3.37 11.00 26.88
CA ARG A 87 2.64 12.08 26.22
C ARG A 87 3.12 12.35 24.81
N LEU A 88 4.42 12.35 24.54
CA LEU A 88 4.89 12.54 23.17
C LEU A 88 4.42 11.39 22.27
N GLY A 89 4.31 10.18 22.80
CA GLY A 89 3.85 9.07 21.98
C GLY A 89 2.37 9.18 21.65
N ALA A 90 1.59 9.63 22.63
CA ALA A 90 0.17 9.85 22.44
C ALA A 90 -0.05 10.94 21.38
N GLU A 91 0.82 11.95 21.37
CA GLU A 91 0.72 13.02 20.37
C GLU A 91 1.00 12.45 18.98
N ILE A 92 2.09 11.70 18.79
CA ILE A 92 2.25 11.04 17.48
C ILE A 92 1.07 10.19 17.10
N GLY A 93 0.52 9.40 18.03
CA GLY A 93 -0.56 8.51 17.77
C GLY A 93 -1.83 9.19 17.25
N ARG A 94 -2.00 10.45 17.65
CA ARG A 94 -3.21 11.16 17.21
C ARG A 94 -2.89 12.16 16.10
N ARG A 95 -1.64 12.56 15.88
CA ARG A 95 -1.30 13.59 14.91
C ARG A 95 -0.81 13.05 13.57
N VAL A 96 -0.59 11.75 13.49
CA VAL A 96 -0.36 11.12 12.18
C VAL A 96 -1.72 10.84 11.55
N ASP A 97 -1.93 11.29 10.30
CA ASP A 97 -3.25 11.09 9.72
C ASP A 97 -3.34 9.72 9.09
N MET A 98 -3.60 8.69 9.93
CA MET A 98 -3.75 7.36 9.32
C MET A 98 -5.06 7.19 8.58
N VAL A 99 -6.08 7.98 8.94
CA VAL A 99 -7.35 7.84 8.25
C VAL A 99 -7.21 8.20 6.78
N PHE A 100 -6.45 9.25 6.48
CA PHE A 100 -6.14 9.56 5.09
C PHE A 100 -5.54 8.31 4.44
N PHE A 101 -4.59 7.68 5.13
CA PHE A 101 -3.92 6.49 4.59
C PHE A 101 -4.91 5.37 4.34
N TYR A 102 -5.87 5.11 5.24
CA TYR A 102 -6.81 4.03 5.01
C TYR A 102 -7.70 4.35 3.82
N ASN A 103 -8.11 5.62 3.75
CA ASN A 103 -9.03 6.00 2.67
C ASN A 103 -8.36 5.90 1.31
N PHE A 104 -7.10 6.31 1.26
CA PHE A 104 -6.38 6.29 -0.01
C PHE A 104 -6.19 4.84 -0.45
N LEU A 105 -5.63 4.02 0.44
CA LEU A 105 -5.38 2.62 0.15
C LEU A 105 -6.62 1.86 -0.25
N SER A 106 -7.71 2.02 0.51
CA SER A 106 -8.95 1.33 0.16
C SER A 106 -9.58 1.96 -1.10
N GLY A 107 -9.44 3.27 -1.27
CA GLY A 107 -10.01 3.92 -2.43
C GLY A 107 -9.27 3.46 -3.70
N ARG A 108 -8.02 3.09 -3.57
CA ARG A 108 -7.24 2.56 -4.68
C ARG A 108 -7.38 1.04 -4.79
N LYS A 109 -8.19 0.42 -3.94
CA LYS A 109 -8.39 -1.04 -4.03
C LYS A 109 -7.08 -1.79 -3.89
N MET A 110 -6.21 -1.29 -3.01
CA MET A 110 -4.88 -1.89 -2.89
C MET A 110 -4.56 -2.31 -1.46
N ILE A 111 -5.58 -2.68 -0.69
CA ILE A 111 -5.25 -3.29 0.61
C ILE A 111 -4.63 -4.66 0.28
N PRO A 112 -3.37 -4.85 0.66
CA PRO A 112 -2.68 -6.10 0.31
C PRO A 112 -3.32 -7.32 0.98
N PRO A 113 -3.03 -8.49 0.42
CA PRO A 113 -3.56 -9.73 1.02
C PRO A 113 -2.94 -9.95 2.40
N TYR A 114 -3.70 -10.53 3.32
CA TYR A 114 -3.21 -10.82 4.65
C TYR A 114 -2.28 -12.04 4.53
N SER A 115 -1.01 -11.85 4.81
CA SER A 115 -0.01 -12.92 4.69
C SER A 115 0.48 -13.30 6.08
N ALA A 116 1.03 -14.50 6.21
CA ALA A 116 1.55 -14.93 7.52
C ALA A 116 2.54 -13.94 8.10
N TYR A 117 3.39 -13.30 7.30
CA TYR A 117 4.35 -12.35 7.87
C TYR A 117 3.63 -11.17 8.53
N MET A 118 2.46 -10.80 8.01
CA MET A 118 1.72 -9.71 8.65
C MET A 118 1.12 -10.22 9.98
N ALA A 119 0.59 -11.43 9.98
CA ALA A 119 0.03 -12.04 11.20
C ALA A 119 1.10 -12.13 12.27
N LYS A 120 2.34 -12.41 11.85
CA LYS A 120 3.45 -12.47 12.79
C LYS A 120 3.69 -11.18 13.53
N LEU A 121 3.68 -10.07 12.78
CA LEU A 121 3.85 -8.77 13.43
C LEU A 121 2.66 -8.41 14.33
N ASN A 122 1.46 -8.73 13.87
CA ASN A 122 0.25 -8.41 14.64
C ASN A 122 0.18 -9.22 15.93
N ALA A 123 0.84 -10.38 15.93
CA ALA A 123 0.77 -11.27 17.09
C ALA A 123 1.68 -10.86 18.22
N LEU A 124 2.64 -9.96 17.99
CA LEU A 124 3.53 -9.52 19.04
C LEU A 124 2.79 -8.58 19.98
N ARG A 125 3.13 -8.52 21.27
CA ARG A 125 2.54 -7.46 22.11
C ARG A 125 3.00 -6.12 21.58
N PRO A 126 2.22 -5.04 21.64
CA PRO A 126 2.72 -3.75 21.17
C PRO A 126 4.03 -3.32 21.78
N ALA A 127 4.28 -3.60 23.07
CA ALA A 127 5.55 -3.23 23.69
C ALA A 127 6.75 -3.89 23.00
N ASP A 128 6.48 -5.04 22.38
CA ASP A 128 7.60 -5.76 21.76
C ASP A 128 7.74 -5.50 20.26
N VAL A 129 6.86 -4.70 19.65
CA VAL A 129 7.02 -4.44 18.21
C VAL A 129 8.39 -3.87 17.95
N PRO A 130 9.14 -4.56 17.05
CA PRO A 130 10.54 -4.14 16.92
C PRO A 130 10.68 -2.81 16.19
N VAL A 131 11.48 -1.93 16.76
CA VAL A 131 11.80 -0.68 16.06
C VAL A 131 13.32 -0.50 16.03
N LYS A 132 13.82 0.33 15.11
CA LYS A 132 15.26 0.52 15.02
C LYS A 132 15.63 1.98 15.33
N ILE B 11 -16.16 -10.75 -21.17
CA ILE B 11 -15.22 -10.52 -22.28
C ILE B 11 -14.44 -11.78 -22.62
N ASN B 12 -14.30 -12.05 -23.92
CA ASN B 12 -13.73 -13.36 -24.25
C ASN B 12 -12.25 -13.43 -23.90
N LYS B 13 -11.80 -14.68 -23.77
CA LYS B 13 -10.46 -15.00 -23.36
C LYS B 13 -9.38 -14.34 -24.22
N ALA B 14 -9.52 -14.37 -25.55
CA ALA B 14 -8.48 -13.77 -26.39
C ALA B 14 -8.39 -12.27 -26.13
N TYR B 15 -9.54 -11.67 -25.90
CA TYR B 15 -9.53 -10.23 -25.66
C TYR B 15 -8.92 -9.93 -24.28
N GLU B 16 -9.27 -10.79 -23.34
CA GLU B 16 -8.70 -10.69 -22.00
C GLU B 16 -7.19 -10.71 -22.10
N VAL B 17 -6.66 -11.66 -22.87
CA VAL B 17 -5.20 -11.79 -22.93
C VAL B 17 -4.54 -10.56 -23.52
N THR B 18 -5.03 -10.02 -24.66
CA THR B 18 -4.30 -8.84 -25.17
C THR B 18 -4.40 -7.67 -24.18
N MET B 19 -5.51 -7.57 -23.45
CA MET B 19 -5.61 -6.44 -22.49
C MET B 19 -4.64 -6.59 -21.33
N LYS B 20 -4.48 -7.77 -20.77
CA LYS B 20 -3.53 -7.96 -19.66
C LYS B 20 -2.12 -7.64 -20.09
N ILE B 21 -1.80 -8.09 -21.33
CA ILE B 21 -0.45 -7.79 -21.83
C ILE B 21 -0.20 -6.30 -21.93
N GLN B 22 -1.15 -5.61 -22.56
CA GLN B 22 -0.97 -4.17 -22.78
C GLN B 22 -1.02 -3.36 -21.49
N ILE B 23 -1.92 -3.74 -20.58
CA ILE B 23 -2.00 -3.02 -19.31
C ILE B 23 -0.74 -3.19 -18.48
N ILE B 24 -0.29 -4.44 -18.34
CA ILE B 24 0.94 -4.67 -17.54
C ILE B 24 2.11 -3.98 -18.21
N SER B 25 2.15 -4.05 -19.55
CA SER B 25 3.26 -3.38 -20.23
C SER B 25 3.22 -1.88 -19.99
N GLY B 26 2.04 -1.28 -20.09
CA GLY B 26 1.94 0.15 -19.89
C GLY B 26 2.31 0.57 -18.47
N PHE B 27 1.79 -0.19 -17.50
CA PHE B 27 2.10 0.14 -16.10
C PHE B 27 3.60 0.04 -15.87
N ASP B 28 4.23 -0.97 -16.42
CA ASP B 28 5.64 -1.25 -16.32
C ASP B 28 6.44 -0.11 -16.94
N ARG B 29 5.92 0.44 -18.03
CA ARG B 29 6.62 1.59 -18.63
C ARG B 29 6.50 2.79 -17.72
N GLN B 30 5.31 3.00 -17.15
CA GLN B 30 5.20 4.13 -16.24
C GLN B 30 6.17 4.01 -15.05
N LEU B 31 6.26 2.83 -14.46
CA LEU B 31 7.15 2.57 -13.33
C LEU B 31 8.61 2.79 -13.76
N THR B 32 8.98 2.23 -14.91
CA THR B 32 10.35 2.40 -15.42
C THR B 32 10.68 3.87 -15.55
N ALA B 33 9.72 4.67 -15.99
CA ALA B 33 9.94 6.12 -16.07
C ALA B 33 10.09 6.77 -14.70
N TRP B 34 9.10 6.50 -13.85
CA TRP B 34 9.08 7.08 -12.52
C TRP B 34 10.37 6.73 -11.78
N LEU B 35 10.93 5.55 -12.09
CA LEU B 35 12.09 5.12 -11.31
C LEU B 35 13.30 5.99 -11.58
N ARG B 36 13.38 6.55 -12.78
CA ARG B 36 14.53 7.37 -13.14
C ARG B 36 14.65 8.57 -12.20
N VAL B 37 13.48 9.07 -11.82
CA VAL B 37 13.40 10.21 -10.93
C VAL B 37 13.48 9.80 -9.46
N HIS B 38 12.72 8.76 -9.12
CA HIS B 38 12.47 8.45 -7.72
C HIS B 38 13.10 7.16 -7.24
N GLY B 39 13.92 6.51 -8.06
CA GLY B 39 14.34 5.16 -7.68
C GLY B 39 15.77 5.01 -7.27
N ARG B 40 16.49 6.12 -7.24
CA ARG B 40 17.92 6.12 -6.88
C ARG B 40 18.18 5.41 -5.55
N ARG B 41 17.36 5.63 -4.52
CA ARG B 41 17.68 4.98 -3.24
C ARG B 41 16.76 3.82 -2.89
N LEU B 42 16.19 3.14 -3.88
CA LEU B 42 15.38 1.95 -3.52
C LEU B 42 16.26 0.72 -3.63
N THR B 43 15.98 -0.37 -2.93
CA THR B 43 16.70 -1.61 -3.15
C THR B 43 16.10 -2.31 -4.38
N ASN B 44 16.84 -3.31 -4.82
CA ASN B 44 16.35 -4.11 -5.93
C ASN B 44 15.03 -4.76 -5.48
N ASN B 45 14.98 -5.12 -4.20
CA ASN B 45 13.78 -5.70 -3.62
C ASN B 45 12.60 -4.74 -3.75
N GLN B 46 12.83 -3.48 -3.38
CA GLN B 46 11.76 -2.49 -3.41
C GLN B 46 11.28 -2.20 -4.82
N LYS B 47 12.21 -2.13 -5.77
CA LYS B 47 11.80 -2.04 -7.17
C LYS B 47 10.99 -3.24 -7.62
N LYS B 48 11.44 -4.46 -7.32
CA LYS B 48 10.68 -5.64 -7.67
C LYS B 48 9.30 -5.64 -7.02
N THR B 49 9.16 -5.11 -5.80
CA THR B 49 7.83 -4.98 -5.23
C THR B 49 6.95 -4.04 -6.03
N LEU B 50 7.49 -2.92 -6.55
CA LEU B 50 6.62 -2.03 -7.32
C LEU B 50 6.22 -2.66 -8.67
N PHE B 51 7.07 -3.44 -9.30
CA PHE B 51 6.65 -4.22 -10.47
C PHE B 51 5.54 -5.21 -10.13
N PHE B 52 5.62 -5.90 -8.99
CA PHE B 52 4.51 -6.71 -8.50
C PHE B 52 3.26 -5.85 -8.32
N VAL B 53 3.44 -4.65 -7.75
CA VAL B 53 2.30 -3.76 -7.50
C VAL B 53 1.54 -3.48 -8.81
N ASN B 54 2.28 -3.34 -9.92
CA ASN B 54 1.61 -3.08 -11.20
C ASN B 54 0.65 -4.20 -11.57
N ARG B 55 1.09 -5.45 -11.33
CA ARG B 55 0.23 -6.58 -11.67
C ARG B 55 -0.98 -6.67 -10.76
N ARG B 56 -0.70 -6.46 -9.48
CA ARG B 56 -1.75 -6.44 -8.46
C ARG B 56 -2.75 -5.34 -8.74
N TYR B 57 -2.25 -4.15 -9.12
CA TYR B 57 -3.14 -3.04 -9.47
C TYR B 57 -4.11 -3.43 -10.59
N MET B 58 -3.57 -4.06 -11.64
CA MET B 58 -4.47 -4.52 -12.70
C MET B 58 -5.52 -5.50 -12.20
N GLN B 59 -5.07 -6.48 -11.41
CA GLN B 59 -6.02 -7.46 -10.88
C GLN B 59 -7.13 -6.77 -10.10
N THR B 60 -6.78 -5.87 -9.18
CA THR B 60 -7.88 -5.37 -8.33
C THR B 60 -8.75 -4.37 -9.06
N HIS B 61 -8.31 -3.85 -10.20
CA HIS B 61 -9.14 -2.93 -10.97
C HIS B 61 -9.78 -3.59 -12.18
N TRP B 62 -9.67 -4.93 -12.26
CA TRP B 62 -10.18 -5.57 -13.46
C TRP B 62 -11.66 -5.30 -13.71
N GLN B 63 -12.53 -5.37 -12.71
CA GLN B 63 -13.95 -5.19 -12.97
C GLN B 63 -14.20 -3.76 -13.43
N ASN B 64 -13.49 -2.81 -12.83
CA ASN B 64 -13.61 -1.43 -13.28
C ASN B 64 -13.18 -1.29 -14.74
N TYR B 65 -12.08 -1.94 -15.15
CA TYR B 65 -11.65 -1.75 -16.53
C TYR B 65 -12.65 -2.37 -17.50
N MET B 66 -13.25 -3.48 -17.10
CA MET B 66 -14.19 -4.21 -17.97
C MET B 66 -15.45 -3.37 -18.20
N LEU B 67 -15.92 -2.62 -17.19
CA LEU B 67 -17.06 -1.72 -17.43
C LEU B 67 -16.67 -0.54 -18.31
N TRP B 68 -15.46 -0.03 -18.09
CA TRP B 68 -15.00 1.06 -18.95
C TRP B 68 -14.89 0.57 -20.40
N VAL B 69 -14.32 -0.63 -20.54
CA VAL B 69 -14.14 -1.18 -21.90
C VAL B 69 -15.47 -1.38 -22.58
N LYS B 70 -16.46 -1.93 -21.88
CA LYS B 70 -17.79 -2.16 -22.44
C LYS B 70 -18.40 -0.87 -22.98
N ARG B 71 -18.23 0.20 -22.20
CA ARG B 71 -18.72 1.50 -22.67
C ARG B 71 -17.94 1.97 -23.89
N LYS B 72 -16.61 1.84 -23.86
CA LYS B 72 -15.85 2.32 -25.02
C LYS B 72 -16.27 1.52 -26.27
N ILE B 73 -16.53 0.23 -26.09
CA ILE B 73 -16.87 -0.63 -27.24
C ILE B 73 -18.26 -0.29 -27.73
N LYS B 74 -19.18 0.02 -26.81
CA LYS B 74 -20.51 0.40 -27.26
C LYS B 74 -20.43 1.64 -28.16
N ALA B 75 -19.49 2.52 -27.89
CA ALA B 75 -19.27 3.79 -28.55
C ALA B 75 -18.39 3.76 -29.81
N LEU B 76 -17.91 2.59 -30.19
CA LEU B 76 -16.94 2.42 -31.28
C LEU B 76 -17.46 2.79 -32.66
N GLY B 77 -18.75 2.51 -32.88
CA GLY B 77 -19.36 2.84 -34.16
C GLY B 77 -19.25 1.67 -35.13
N ARG B 78 -18.88 0.51 -34.61
CA ARG B 78 -18.72 -0.72 -35.37
C ARG B 78 -18.42 -1.92 -34.47
N PRO B 79 -18.62 -3.16 -34.92
CA PRO B 79 -18.32 -4.32 -34.07
C PRO B 79 -16.83 -4.28 -33.67
N ALA B 80 -16.56 -4.69 -32.43
CA ALA B 80 -15.19 -4.67 -31.94
C ALA B 80 -14.40 -5.90 -32.45
N ALA B 81 -13.08 -5.77 -32.49
CA ALA B 81 -12.22 -6.89 -32.87
C ALA B 81 -11.01 -6.84 -31.94
N VAL B 82 -10.08 -7.79 -32.05
CA VAL B 82 -9.01 -7.78 -31.01
C VAL B 82 -8.19 -6.51 -31.03
N GLY B 83 -7.98 -5.87 -32.19
CA GLY B 83 -7.20 -4.66 -32.30
C GLY B 83 -7.81 -3.56 -31.39
N ASP B 84 -9.12 -3.51 -31.26
CA ASP B 84 -9.75 -2.52 -30.37
C ASP B 84 -9.41 -2.79 -28.92
N TYR B 85 -9.41 -4.06 -28.53
CA TYR B 85 -9.06 -4.42 -27.16
C TYR B 85 -7.60 -4.15 -26.87
N THR B 86 -6.73 -4.41 -27.84
CA THR B 86 -5.31 -4.11 -27.70
C THR B 86 -5.12 -2.61 -27.45
N ARG B 87 -5.86 -1.83 -28.24
CA ARG B 87 -5.81 -0.37 -28.11
C ARG B 87 -6.34 0.07 -26.76
N LEU B 88 -7.46 -0.49 -26.32
CA LEU B 88 -8.05 -0.05 -25.04
C LEU B 88 -7.17 -0.45 -23.88
N GLY B 89 -6.59 -1.66 -23.98
CA GLY B 89 -5.64 -2.08 -22.91
C GLY B 89 -4.44 -1.16 -22.92
N ALA B 90 -3.97 -0.74 -24.09
CA ALA B 90 -2.82 0.16 -24.11
C ALA B 90 -3.20 1.53 -23.54
N GLU B 91 -4.44 1.94 -23.76
CA GLU B 91 -4.89 3.23 -23.25
C GLU B 91 -4.97 3.18 -21.74
N ILE B 92 -5.58 2.11 -21.22
CA ILE B 92 -5.53 1.95 -19.77
C ILE B 92 -4.11 1.92 -19.26
N GLY B 93 -3.21 1.19 -19.91
CA GLY B 93 -1.82 1.09 -19.53
C GLY B 93 -1.12 2.44 -19.41
N ARG B 94 -1.53 3.38 -20.25
CA ARG B 94 -0.93 4.70 -20.41
C ARG B 94 -1.51 5.73 -19.48
N ARG B 95 -2.83 5.73 -19.34
CA ARG B 95 -3.60 6.77 -18.71
C ARG B 95 -3.93 6.56 -17.24
N VAL B 96 -3.99 5.33 -16.73
CA VAL B 96 -4.23 5.17 -15.30
C VAL B 96 -3.14 5.88 -14.56
N ASP B 97 -3.33 6.60 -13.45
CA ASP B 97 -2.07 7.22 -13.01
C ASP B 97 -1.37 6.44 -11.90
N MET B 98 -0.53 5.49 -12.33
CA MET B 98 0.24 4.65 -11.44
C MET B 98 1.20 5.54 -10.63
N VAL B 99 1.53 6.70 -11.19
CA VAL B 99 2.48 7.59 -10.49
C VAL B 99 1.87 8.09 -9.20
N PHE B 100 0.57 8.40 -9.12
CA PHE B 100 0.06 8.83 -7.81
C PHE B 100 0.14 7.68 -6.82
N PHE B 101 0.11 6.43 -7.29
CA PHE B 101 0.20 5.32 -6.33
C PHE B 101 1.64 5.04 -5.92
N TYR B 102 2.57 5.10 -6.88
CA TYR B 102 3.95 4.89 -6.53
C TYR B 102 4.44 5.98 -5.56
N ASN B 103 3.95 7.20 -5.80
CA ASN B 103 4.32 8.31 -4.91
C ASN B 103 3.81 8.07 -3.50
N PHE B 104 2.61 7.47 -3.46
CA PHE B 104 2.04 7.22 -2.13
C PHE B 104 2.84 6.16 -1.37
N LEU B 105 3.19 5.04 -1.99
CA LEU B 105 3.91 3.98 -1.28
C LEU B 105 5.31 4.43 -0.87
N SER B 106 6.08 4.93 -1.84
CA SER B 106 7.40 5.45 -1.57
C SER B 106 7.42 6.68 -0.65
N GLY B 107 6.50 7.60 -0.86
CA GLY B 107 6.41 8.82 -0.06
C GLY B 107 6.19 8.54 1.41
N ARG B 108 5.48 7.43 1.70
CA ARG B 108 5.16 7.12 3.09
C ARG B 108 6.08 6.05 3.66
N LYS B 109 7.11 5.67 2.92
CA LYS B 109 7.97 4.56 3.32
C LYS B 109 7.10 3.33 3.61
N MET B 110 6.13 3.04 2.75
CA MET B 110 5.31 1.85 2.94
C MET B 110 5.44 0.88 1.77
N ILE B 111 6.58 0.92 1.08
CA ILE B 111 6.70 -0.15 0.07
C ILE B 111 6.87 -1.47 0.83
N PRO B 112 6.01 -2.42 0.52
CA PRO B 112 6.06 -3.71 1.18
C PRO B 112 7.37 -4.46 0.94
N PRO B 113 7.70 -5.37 1.85
CA PRO B 113 8.86 -6.22 1.57
C PRO B 113 8.52 -7.13 0.39
N TYR B 114 9.55 -7.50 -0.35
CA TYR B 114 9.34 -8.42 -1.47
C TYR B 114 9.20 -9.83 -0.93
N SER B 115 8.01 -10.42 -1.05
CA SER B 115 7.74 -11.76 -0.61
C SER B 115 7.74 -12.80 -1.72
N ALA B 116 7.93 -14.06 -1.35
CA ALA B 116 7.81 -15.17 -2.30
C ALA B 116 6.53 -15.11 -3.10
N TYR B 117 5.34 -14.84 -2.53
CA TYR B 117 4.17 -14.82 -3.40
C TYR B 117 4.26 -13.72 -4.44
N MET B 118 4.98 -12.66 -4.15
CA MET B 118 5.13 -11.55 -5.08
C MET B 118 6.05 -11.93 -6.23
N ALA B 119 7.14 -12.61 -5.91
CA ALA B 119 8.03 -13.09 -6.96
C ALA B 119 7.29 -14.07 -7.86
N LYS B 120 6.40 -14.87 -7.25
CA LYS B 120 5.59 -15.78 -8.03
C LYS B 120 4.73 -15.03 -9.05
N LEU B 121 4.11 -13.94 -8.59
CA LEU B 121 3.22 -13.26 -9.55
C LEU B 121 4.04 -12.58 -10.66
N ASN B 122 5.20 -12.08 -10.31
CA ASN B 122 6.10 -11.38 -11.23
C ASN B 122 6.68 -12.35 -12.27
N ALA B 123 6.74 -13.63 -11.95
CA ALA B 123 7.31 -14.65 -12.80
C ALA B 123 6.33 -15.13 -13.86
N LEU B 124 5.03 -14.97 -13.62
CA LEU B 124 4.06 -15.34 -14.65
C LEU B 124 4.16 -14.46 -15.89
N ARG B 125 3.81 -15.03 -17.03
CA ARG B 125 3.63 -14.23 -18.23
C ARG B 125 2.39 -13.37 -18.00
N PRO B 126 2.37 -12.10 -18.39
CA PRO B 126 1.17 -11.28 -18.24
C PRO B 126 -0.10 -11.98 -18.73
N ALA B 127 0.02 -12.74 -19.82
CA ALA B 127 -1.15 -13.44 -20.33
C ALA B 127 -1.74 -14.41 -19.33
N ASP B 128 -0.92 -14.86 -18.37
CA ASP B 128 -1.39 -15.82 -17.38
C ASP B 128 -1.69 -15.23 -16.02
N VAL B 129 -1.59 -13.91 -15.85
CA VAL B 129 -1.94 -13.33 -14.55
C VAL B 129 -3.42 -13.49 -14.32
N PRO B 130 -3.83 -14.15 -13.24
CA PRO B 130 -5.27 -14.38 -13.09
C PRO B 130 -6.05 -13.10 -12.78
N VAL B 131 -7.22 -13.00 -13.41
CA VAL B 131 -8.12 -11.89 -13.10
C VAL B 131 -9.53 -12.46 -12.96
N LYS B 132 -10.45 -11.67 -12.42
CA LYS B 132 -11.81 -12.20 -12.28
C LYS B 132 -12.63 -11.90 -13.53
N ASN B 133 -12.53 -12.81 -14.50
CA ASN B 133 -13.09 -12.66 -15.82
C ASN B 133 -13.66 -13.93 -16.42
N HIS B 134 -13.34 -15.06 -15.82
CA HIS B 134 -13.74 -16.37 -16.32
C HIS B 134 -15.21 -16.42 -16.68
#